data_2ZOU
#
_entry.id   2ZOU
#
_cell.length_a   93.253
_cell.length_b   50.518
_cell.length_c   63.171
_cell.angle_alpha   90.00
_cell.angle_beta   100.37
_cell.angle_gamma   90.00
#
_symmetry.space_group_name_H-M   'C 1 2 1'
#
loop_
_entity.id
_entity.type
_entity.pdbx_description
1 polymer Spondin-1
2 non-polymer 1,2-ETHANEDIOL
3 water water
#
_entity_poly.entity_id   1
_entity_poly.type   'polypeptide(L)'
_entity_poly.pdbx_seq_one_letter_code
;GSSEGYCSRILRAQGTRREGYTEFSLRVEGDPDFYKPGTSYRVTLSAAPPSYFRGFTLIALRENREGDKEEDHAGTFQII
DEEETQFMSNCPVAVTESTPRRRTRIQVFWIAPPAGTGCVILKASIVQKRIIYFQDEGSLTKKLCEQDS
;
_entity_poly.pdbx_strand_id   A,B
#
loop_
_chem_comp.id
_chem_comp.type
_chem_comp.name
_chem_comp.formula
EDO non-polymer 1,2-ETHANEDIOL 'C2 H6 O2'
#
# COMPACT_ATOMS: atom_id res chain seq x y z
N TYR A 6 -24.74 17.39 12.81
CA TYR A 6 -23.43 17.07 12.15
C TYR A 6 -22.79 15.82 12.76
N CYS A 7 -22.70 14.77 11.94
CA CYS A 7 -22.00 13.51 12.27
C CYS A 7 -22.48 12.63 13.43
N SER A 8 -23.38 11.68 13.14
CA SER A 8 -23.72 10.65 14.10
C SER A 8 -23.71 9.25 13.46
N ARG A 9 -22.67 8.42 13.64
CA ARG A 9 -21.35 8.70 14.26
C ARG A 9 -21.28 8.76 15.80
N ILE A 10 -21.88 9.78 16.40
CA ILE A 10 -21.91 9.90 17.85
C ILE A 10 -22.90 8.88 18.44
N ARG A 18 -16.19 -2.11 25.03
CA ARG A 18 -15.77 -3.44 24.62
C ARG A 18 -14.48 -3.34 23.80
N GLU A 19 -13.36 -3.25 24.49
CA GLU A 19 -12.08 -3.05 23.83
C GLU A 19 -11.50 -4.38 23.41
N GLY A 20 -10.33 -4.32 22.81
CA GLY A 20 -9.71 -5.54 22.37
C GLY A 20 -10.33 -6.00 21.07
N TYR A 21 -10.20 -7.29 20.82
CA TYR A 21 -10.14 -7.74 19.45
C TYR A 21 -11.38 -8.46 19.01
N THR A 22 -11.85 -8.10 17.82
CA THR A 22 -12.89 -8.85 17.16
C THR A 22 -12.25 -9.45 15.92
N GLU A 23 -13.03 -10.11 15.09
CA GLU A 23 -12.47 -10.68 13.86
C GLU A 23 -12.36 -9.62 12.74
N PHE A 24 -12.73 -8.38 13.04
CA PHE A 24 -12.66 -7.32 12.04
C PHE A 24 -11.45 -6.46 12.38
N SER A 25 -10.64 -6.17 11.36
CA SER A 25 -9.38 -5.44 11.57
C SER A 25 -9.28 -4.21 10.72
N LEU A 26 -8.88 -3.10 11.33
CA LEU A 26 -8.56 -1.88 10.59
C LEU A 26 -7.05 -1.77 10.56
N ARG A 27 -6.48 -1.74 9.36
CA ARG A 27 -5.03 -1.74 9.20
C ARG A 27 -4.64 -0.65 8.24
N VAL A 28 -3.37 -0.28 8.29
CA VAL A 28 -2.79 0.57 7.27
C VAL A 28 -1.69 -0.25 6.60
N GLU A 29 -1.78 -0.40 5.28
CA GLU A 29 -0.81 -1.20 4.54
C GLU A 29 0.60 -0.66 4.77
N GLY A 30 1.55 -1.57 5.01
CA GLY A 30 2.92 -1.20 5.30
C GLY A 30 3.17 -0.97 6.79
N ASP A 31 2.11 -1.05 7.61
CA ASP A 31 2.27 -0.94 9.08
C ASP A 31 3.17 0.23 9.51
N PRO A 32 2.80 1.47 9.12
CA PRO A 32 3.62 2.62 9.52
C PRO A 32 3.66 2.84 11.03
N ASP A 33 4.83 3.22 11.52
CA ASP A 33 5.03 3.52 12.93
C ASP A 33 4.52 4.92 13.29
N PHE A 34 4.41 5.78 12.29
CA PHE A 34 3.99 7.17 12.44
C PHE A 34 3.52 7.65 11.08
N TYR A 35 2.83 8.78 11.03
CA TYR A 35 2.45 9.38 9.73
C TYR A 35 3.38 10.51 9.34
N LYS A 36 3.55 10.68 8.01
CA LYS A 36 4.27 11.82 7.44
C LYS A 36 3.24 12.70 6.74
N PRO A 37 3.17 14.00 7.12
CA PRO A 37 2.24 14.94 6.50
C PRO A 37 2.28 14.83 4.98
N GLY A 38 1.09 14.73 4.38
CA GLY A 38 0.98 14.69 2.92
C GLY A 38 1.13 13.34 2.27
N THR A 39 1.60 12.34 3.02
CA THR A 39 1.70 10.99 2.51
C THR A 39 0.32 10.34 2.44
N SER A 40 0.05 9.64 1.35
CA SER A 40 -1.15 8.84 1.18
C SER A 40 -0.92 7.43 1.72
N TYR A 41 -1.80 7.00 2.61
CA TYR A 41 -1.77 5.65 3.18
C TYR A 41 -2.99 4.87 2.74
N ARG A 42 -2.81 3.58 2.49
CA ARG A 42 -3.96 2.75 2.14
C ARG A 42 -4.51 2.06 3.39
N VAL A 43 -5.69 2.50 3.79
CA VAL A 43 -6.37 1.99 4.98
C VAL A 43 -7.30 0.85 4.54
N THR A 44 -7.26 -0.27 5.26
CA THR A 44 -8.09 -1.41 4.92
C THR A 44 -8.92 -1.84 6.11
N LEU A 45 -10.14 -2.29 5.82
CA LEU A 45 -11.01 -2.88 6.83
C LEU A 45 -11.35 -4.27 6.33
N SER A 46 -11.01 -5.29 7.13
CA SER A 46 -11.18 -6.67 6.67
C SER A 46 -11.80 -7.56 7.74
N ALA A 47 -12.51 -8.59 7.29
CA ALA A 47 -13.13 -9.57 8.16
C ALA A 47 -12.40 -10.88 8.05
N ALA A 48 -12.04 -11.48 9.18
CA ALA A 48 -11.43 -12.81 9.17
C ALA A 48 -12.49 -13.85 8.79
N PRO A 49 -12.13 -14.86 7.97
CA PRO A 49 -13.13 -15.86 7.61
C PRO A 49 -13.72 -16.58 8.81
N PRO A 50 -15.02 -16.95 8.73
CA PRO A 50 -15.94 -16.74 7.63
C PRO A 50 -16.81 -15.49 7.77
N SER A 51 -16.34 -14.49 8.51
CA SER A 51 -17.14 -13.29 8.74
C SER A 51 -17.19 -12.35 7.52
N TYR A 52 -18.12 -11.43 7.59
CA TYR A 52 -18.30 -10.41 6.57
C TYR A 52 -18.98 -9.23 7.23
N PHE A 53 -19.02 -8.10 6.54
CA PHE A 53 -19.81 -6.97 7.00
C PHE A 53 -20.70 -6.48 5.86
N ARG A 54 -21.89 -6.01 6.22
CA ARG A 54 -22.83 -5.48 5.24
C ARG A 54 -22.79 -3.97 5.21
N GLY A 55 -22.18 -3.38 6.23
CA GLY A 55 -22.03 -1.94 6.34
C GLY A 55 -20.89 -1.57 7.27
N PHE A 56 -20.38 -0.36 7.11
CA PHE A 56 -19.28 0.12 7.93
C PHE A 56 -19.26 1.64 7.96
N THR A 57 -18.59 2.18 8.97
CA THR A 57 -18.29 3.60 9.03
C THR A 57 -16.84 3.74 9.45
N LEU A 58 -16.13 4.63 8.77
CA LEU A 58 -14.72 4.84 9.01
C LEU A 58 -14.42 6.33 9.15
N ILE A 59 -13.73 6.70 10.23
CA ILE A 59 -13.35 8.12 10.49
C ILE A 59 -11.90 8.22 10.94
N ALA A 60 -11.36 9.44 10.87
CA ALA A 60 -10.02 9.74 11.39
C ALA A 60 -10.14 10.98 12.28
N LEU A 61 -9.83 10.82 13.56
CA LEU A 61 -10.02 11.88 14.55
C LEU A 61 -8.72 12.29 15.20
N ARG A 62 -8.57 13.58 15.49
CA ARG A 62 -7.54 13.98 16.40
C ARG A 62 -7.80 13.25 17.71
N GLU A 63 -6.74 12.77 18.36
CA GLU A 63 -6.90 12.07 19.63
C GLU A 63 -7.64 12.90 20.69
N ASN A 64 -8.45 12.18 21.47
CA ASN A 64 -9.24 12.74 22.57
C ASN A 64 -10.34 13.69 22.15
N ARG A 65 -10.76 13.60 20.89
CA ARG A 65 -11.90 14.35 20.37
C ARG A 65 -13.00 13.38 20.05
N GLU A 66 -14.25 13.82 20.21
CA GLU A 66 -15.42 12.98 19.99
C GLU A 66 -15.82 12.85 18.53
N GLY A 67 -15.55 13.88 17.73
CA GLY A 67 -15.93 13.91 16.31
C GLY A 67 -17.15 14.76 15.98
N ASP A 68 -17.68 15.46 17.00
CA ASP A 68 -18.88 16.28 16.82
C ASP A 68 -18.59 17.62 16.16
N LYS A 69 -17.31 17.99 16.09
CA LYS A 69 -16.88 19.21 15.43
C LYS A 69 -16.06 18.88 14.19
N GLU A 70 -16.22 19.71 13.16
CA GLU A 70 -15.52 19.54 11.90
C GLU A 70 -14.02 19.42 12.10
N GLU A 71 -13.47 20.30 12.94
CA GLU A 71 -12.04 20.34 13.17
C GLU A 71 -11.49 19.15 13.95
N ASP A 72 -12.37 18.30 14.48
CA ASP A 72 -11.94 17.05 15.11
C ASP A 72 -11.41 16.03 14.11
N HIS A 73 -11.88 16.15 12.87
CA HIS A 73 -11.54 15.18 11.83
C HIS A 73 -10.24 15.53 11.14
N ALA A 74 -9.33 14.57 11.07
CA ALA A 74 -7.96 14.81 10.64
C ALA A 74 -7.69 14.12 9.30
N GLY A 75 -6.95 14.83 8.44
CA GLY A 75 -6.55 14.28 7.15
C GLY A 75 -7.69 14.28 6.16
N THR A 76 -7.47 13.63 5.02
CA THR A 76 -8.41 13.59 3.92
C THR A 76 -8.51 12.16 3.40
N PHE A 77 -9.71 11.59 3.45
CA PHE A 77 -9.94 10.33 2.77
C PHE A 77 -10.11 10.53 1.27
N GLN A 78 -9.68 9.53 0.50
CA GLN A 78 -9.89 9.49 -0.94
C GLN A 78 -10.42 8.12 -1.35
N ILE A 79 -11.55 8.11 -2.04
CA ILE A 79 -12.19 6.88 -2.47
C ILE A 79 -11.33 6.19 -3.53
N ILE A 80 -11.15 4.88 -3.34
CA ILE A 80 -10.49 4.04 -4.34
C ILE A 80 -11.54 3.29 -5.18
N ASP A 81 -12.49 2.67 -4.51
CA ASP A 81 -13.51 1.84 -5.15
C ASP A 81 -14.87 2.49 -5.00
N GLU A 82 -15.26 3.23 -6.03
CA GLU A 82 -16.50 4.01 -5.99
C GLU A 82 -17.75 3.15 -5.82
N GLU A 83 -17.70 1.91 -6.29
CA GLU A 83 -18.86 1.00 -6.19
C GLU A 83 -18.98 0.30 -4.83
N GLU A 84 -17.96 0.47 -3.98
CA GLU A 84 -17.96 -0.17 -2.67
C GLU A 84 -18.08 0.83 -1.53
N THR A 85 -17.57 2.05 -1.75
CA THR A 85 -17.46 3.03 -0.68
C THR A 85 -17.91 4.41 -1.15
N GLN A 86 -18.40 5.22 -0.21
CA GLN A 86 -18.76 6.62 -0.47
C GLN A 86 -18.66 7.41 0.81
N PHE A 87 -18.72 8.73 0.72
CA PHE A 87 -18.84 9.56 1.91
C PHE A 87 -20.27 9.58 2.41
N MET A 88 -20.42 9.60 3.74
CA MET A 88 -21.73 9.68 4.41
C MET A 88 -22.48 10.95 4.00
N SER A 89 -23.75 10.81 3.61
CA SER A 89 -24.60 11.95 3.22
C SER A 89 -24.70 13.02 4.31
N ASN A 90 -24.82 12.58 5.56
CA ASN A 90 -24.91 13.48 6.70
C ASN A 90 -23.72 13.48 7.66
N CYS A 91 -22.58 12.96 7.19
CA CYS A 91 -21.29 13.15 7.84
C CYS A 91 -20.22 13.04 6.75
N PRO A 92 -19.95 14.15 6.04
CA PRO A 92 -19.15 14.15 4.81
C PRO A 92 -17.68 13.80 5.01
N VAL A 93 -17.26 13.74 6.28
CA VAL A 93 -15.89 13.38 6.67
C VAL A 93 -15.77 11.88 6.99
N ALA A 94 -16.89 11.16 6.95
CA ALA A 94 -16.91 9.72 7.23
C ALA A 94 -17.07 8.90 5.94
N VAL A 95 -16.32 7.80 5.87
CA VAL A 95 -16.45 6.83 4.77
C VAL A 95 -17.43 5.74 5.18
N THR A 96 -18.28 5.32 4.25
CA THR A 96 -19.29 4.30 4.53
C THR A 96 -19.49 3.43 3.26
N GLU A 97 -20.31 2.39 3.35
CA GLU A 97 -20.59 1.52 2.21
C GLU A 97 -21.49 2.20 1.18
N SER A 98 -21.29 1.85 -0.09
CA SER A 98 -22.10 2.36 -1.22
C SER A 98 -23.44 1.66 -1.34
N THR A 99 -23.46 0.37 -1.01
CA THR A 99 -24.65 -0.49 -1.02
C THR A 99 -24.48 -1.51 0.10
N PRO A 100 -25.59 -2.05 0.65
CA PRO A 100 -25.45 -2.98 1.80
C PRO A 100 -25.14 -4.46 1.48
N ARG A 101 -24.22 -4.71 0.56
CA ARG A 101 -23.82 -6.07 0.17
C ARG A 101 -22.85 -6.64 1.21
N ARG A 102 -22.77 -7.97 1.29
CA ARG A 102 -21.77 -8.65 2.12
C ARG A 102 -20.39 -8.39 1.54
N ARG A 103 -19.46 -7.92 2.38
CA ARG A 103 -18.08 -7.69 1.98
C ARG A 103 -17.13 -8.26 3.00
N THR A 104 -15.93 -8.60 2.57
CA THR A 104 -14.91 -9.07 3.49
C THR A 104 -13.71 -8.11 3.58
N ARG A 105 -13.66 -7.14 2.67
CA ARG A 105 -12.59 -6.15 2.68
C ARG A 105 -13.04 -4.90 1.94
N ILE A 106 -12.73 -3.75 2.52
CA ILE A 106 -12.76 -2.49 1.77
C ILE A 106 -11.45 -1.75 1.98
N GLN A 107 -11.16 -0.80 1.10
CA GLN A 107 -9.92 -0.02 1.17
C GLN A 107 -10.20 1.40 0.74
N VAL A 108 -9.46 2.33 1.32
CA VAL A 108 -9.56 3.75 0.99
C VAL A 108 -8.18 4.37 1.20
N PHE A 109 -7.88 5.48 0.56
CA PHE A 109 -6.70 6.24 0.93
C PHE A 109 -7.03 7.21 2.04
N TRP A 110 -6.05 7.41 2.91
CA TRP A 110 -6.06 8.48 3.90
C TRP A 110 -4.80 9.28 3.72
N ILE A 111 -4.95 10.57 3.45
CA ILE A 111 -3.83 11.46 3.22
C ILE A 111 -3.54 12.19 4.53
N ALA A 112 -2.33 12.02 5.05
CA ALA A 112 -2.00 12.50 6.39
C ALA A 112 -1.98 14.02 6.48
N PRO A 113 -2.40 14.54 7.64
CA PRO A 113 -2.54 15.99 7.82
C PRO A 113 -1.21 16.72 8.06
N PRO A 114 -1.22 18.07 8.04
CA PRO A 114 -0.02 18.87 8.29
C PRO A 114 0.65 18.62 9.64
N ALA A 115 1.96 18.89 9.68
CA ALA A 115 2.72 18.78 10.91
C ALA A 115 2.04 19.63 11.97
N GLY A 116 2.02 19.13 13.20
CA GLY A 116 1.38 19.83 14.31
C GLY A 116 -0.05 19.37 14.58
N THR A 117 -0.59 18.54 13.69
CA THR A 117 -1.94 18.02 13.91
C THR A 117 -2.02 17.08 15.12
N GLY A 118 -0.89 16.46 15.43
CA GLY A 118 -0.81 15.54 16.56
C GLY A 118 -1.30 14.13 16.23
N CYS A 119 -1.46 13.35 17.28
CA CYS A 119 -1.87 11.96 17.13
C CYS A 119 -3.24 11.86 16.53
N VAL A 120 -3.39 10.93 15.58
CA VAL A 120 -4.65 10.70 14.90
C VAL A 120 -5.13 9.27 15.20
N ILE A 121 -6.44 9.12 15.42
CA ILE A 121 -7.05 7.82 15.64
C ILE A 121 -7.95 7.47 14.47
N LEU A 122 -7.56 6.43 13.73
CA LEU A 122 -8.40 5.88 12.68
C LEU A 122 -9.30 4.88 13.35
N LYS A 123 -10.60 4.98 13.11
CA LYS A 123 -11.59 4.17 13.82
C LYS A 123 -12.72 3.72 12.91
N ALA A 124 -13.15 2.48 13.09
CA ALA A 124 -14.26 1.95 12.31
C ALA A 124 -15.31 1.27 13.17
N SER A 125 -16.52 1.27 12.65
CA SER A 125 -17.65 0.52 13.19
C SER A 125 -18.19 -0.33 12.06
N ILE A 126 -18.71 -1.52 12.36
CA ILE A 126 -19.30 -2.36 11.31
C ILE A 126 -20.65 -2.96 11.72
N VAL A 127 -21.39 -3.43 10.72
CA VAL A 127 -22.55 -4.31 10.96
C VAL A 127 -22.47 -5.62 10.17
N GLN A 128 -22.73 -6.75 10.84
CA GLN A 128 -22.86 -8.07 10.21
C GLN A 128 -24.25 -8.60 10.51
N LYS A 129 -24.44 -9.18 11.70
CA LYS A 129 -25.77 -9.50 12.26
C LYS A 129 -25.92 -8.86 13.65
N ARG A 130 -24.91 -8.07 14.01
CA ARG A 130 -24.91 -7.23 15.20
C ARG A 130 -24.02 -6.04 14.86
N ILE A 131 -24.08 -4.98 15.65
CA ILE A 131 -23.21 -3.81 15.48
C ILE A 131 -21.97 -3.91 16.35
N ILE A 132 -20.82 -3.62 15.74
CA ILE A 132 -19.60 -3.43 16.49
C ILE A 132 -19.38 -1.92 16.49
N TYR A 133 -19.52 -1.33 17.66
CA TYR A 133 -19.45 0.12 17.84
C TYR A 133 -18.03 0.61 17.81
N PHE A 134 -17.85 1.93 17.62
CA PHE A 134 -16.53 2.55 17.74
C PHE A 134 -15.94 2.29 19.12
N GLN A 135 -14.63 2.04 19.17
CA GLN A 135 -13.94 1.85 20.45
C GLN A 135 -12.67 2.67 20.52
N ASP A 136 -12.26 3.00 21.75
CA ASP A 136 -11.04 3.79 21.95
C ASP A 136 -9.79 3.00 21.64
N GLU A 137 -9.86 1.68 21.84
CA GLU A 137 -8.79 0.74 21.52
C GLU A 137 -9.42 -0.55 21.06
N GLY A 138 -8.71 -1.28 20.21
CA GLY A 138 -9.24 -2.54 19.72
C GLY A 138 -8.83 -2.78 18.30
N SER A 139 -9.35 -3.85 17.73
CA SER A 139 -8.91 -4.25 16.40
C SER A 139 -9.40 -3.32 15.29
N LEU A 140 -10.44 -2.53 15.56
CA LEU A 140 -10.96 -1.57 14.58
C LEU A 140 -10.51 -0.14 14.87
N THR A 141 -9.42 0.00 15.62
CA THR A 141 -8.90 1.32 15.99
C THR A 141 -7.39 1.31 15.85
N LYS A 142 -6.85 2.33 15.18
CA LYS A 142 -5.40 2.45 15.01
C LYS A 142 -4.95 3.87 15.26
N LYS A 143 -3.98 4.02 16.14
CA LYS A 143 -3.40 5.32 16.47
C LYS A 143 -2.14 5.53 15.66
N LEU A 144 -2.05 6.68 15.00
CA LEU A 144 -0.82 7.11 14.32
C LEU A 144 -0.44 8.50 14.76
N CYS A 145 0.79 8.64 15.23
CA CYS A 145 1.27 9.94 15.65
C CYS A 145 2.30 10.46 14.64
N GLU A 146 2.75 11.70 14.83
CA GLU A 146 3.88 12.21 14.06
C GLU A 146 5.19 11.61 14.58
N GLN A 147 6.24 11.70 13.78
CA GLN A 147 7.66 11.51 14.20
C GLN A 147 8.52 10.98 13.06
N TYR B 6 17.76 -20.72 -11.70
CA TYR B 6 16.84 -19.57 -11.95
C TYR B 6 17.58 -18.23 -11.97
N CYS B 7 17.08 -17.31 -12.80
CA CYS B 7 17.56 -15.92 -12.92
C CYS B 7 18.88 -15.71 -13.67
N SER B 8 19.53 -16.80 -14.06
CA SER B 8 20.84 -16.72 -14.70
C SER B 8 20.86 -15.83 -15.95
N ARG B 9 19.69 -15.61 -16.54
CA ARG B 9 19.56 -14.87 -17.80
C ARG B 9 18.88 -13.50 -17.68
N ILE B 10 18.63 -13.07 -16.44
CA ILE B 10 17.86 -11.83 -16.20
C ILE B 10 18.54 -10.54 -16.69
N LEU B 11 19.88 -10.57 -16.80
CA LEU B 11 20.65 -9.38 -17.17
C LEU B 11 21.12 -9.42 -18.64
N ARG B 12 20.69 -10.43 -19.38
CA ARG B 12 21.12 -10.63 -20.77
C ARG B 12 20.80 -9.43 -21.68
N ALA B 13 19.61 -8.86 -21.50
CA ALA B 13 19.14 -7.75 -22.33
C ALA B 13 19.47 -6.37 -21.73
N GLN B 14 20.32 -6.37 -20.70
CA GLN B 14 20.70 -5.13 -20.01
C GLN B 14 21.94 -4.50 -20.63
N GLY B 15 21.91 -3.19 -20.79
CA GLY B 15 23.01 -2.46 -21.43
C GLY B 15 23.62 -1.45 -20.48
N THR B 16 24.42 -0.53 -21.04
CA THR B 16 25.23 0.39 -20.24
C THR B 16 24.58 1.74 -19.93
N ARG B 17 23.57 2.12 -20.71
CA ARG B 17 22.94 3.43 -20.53
C ARG B 17 22.37 3.54 -19.15
N ARG B 18 22.66 4.65 -18.49
CA ARG B 18 22.03 4.94 -17.22
C ARG B 18 21.16 6.19 -17.35
N GLU B 19 19.85 6.01 -17.19
CA GLU B 19 18.87 7.08 -17.10
C GLU B 19 18.32 7.04 -15.67
N GLY B 20 19.04 7.65 -14.74
CA GLY B 20 18.62 7.68 -13.36
C GLY B 20 17.17 8.11 -13.22
N TYR B 21 16.92 9.41 -13.37
CA TYR B 21 15.58 9.91 -13.18
C TYR B 21 14.92 10.11 -14.53
N THR B 22 13.74 9.50 -14.67
CA THR B 22 12.97 9.53 -15.91
C THR B 22 11.53 9.83 -15.58
N GLU B 23 10.66 9.71 -16.59
CA GLU B 23 9.23 10.02 -16.42
C GLU B 23 8.44 8.85 -15.79
N PHE B 24 9.14 7.77 -15.46
CA PHE B 24 8.57 6.58 -14.83
C PHE B 24 8.99 6.45 -13.37
N SER B 25 8.06 6.02 -12.52
CA SER B 25 8.29 6.04 -11.08
C SER B 25 7.96 4.70 -10.41
N LEU B 26 8.94 4.19 -9.66
CA LEU B 26 8.72 3.08 -8.74
C LEU B 26 8.54 3.64 -7.33
N ARG B 27 7.42 3.35 -6.69
CA ARG B 27 7.16 3.89 -5.34
C ARG B 27 6.70 2.79 -4.41
N VAL B 28 6.83 3.02 -3.11
CA VAL B 28 6.22 2.17 -2.11
C VAL B 28 5.14 2.98 -1.41
N GLU B 29 3.88 2.52 -1.47
CA GLU B 29 2.79 3.30 -0.88
C GLU B 29 3.03 3.49 0.61
N GLY B 30 2.81 4.71 1.09
CA GLY B 30 3.02 4.99 2.50
C GLY B 30 4.41 5.53 2.79
N ASP B 31 5.25 5.58 1.75
CA ASP B 31 6.61 6.16 1.87
C ASP B 31 7.35 5.71 3.14
N PRO B 32 7.52 4.38 3.32
CA PRO B 32 8.23 3.91 4.52
C PRO B 32 9.70 4.34 4.53
N ASP B 33 10.20 4.65 5.72
CA ASP B 33 11.61 5.04 5.93
C ASP B 33 12.53 3.81 6.04
N PHE B 34 11.94 2.66 6.34
CA PHE B 34 12.66 1.40 6.54
C PHE B 34 11.66 0.29 6.37
N TYR B 35 12.15 -0.96 6.24
CA TYR B 35 11.25 -2.11 6.21
C TYR B 35 11.23 -2.83 7.55
N LYS B 36 10.10 -3.45 7.87
CA LYS B 36 10.01 -4.35 9.01
C LYS B 36 9.83 -5.77 8.50
N PRO B 37 10.70 -6.71 8.91
CA PRO B 37 10.58 -8.09 8.47
C PRO B 37 9.13 -8.64 8.51
N GLY B 38 8.69 -9.25 7.43
CA GLY B 38 7.38 -9.86 7.37
C GLY B 38 6.22 -8.94 7.01
N THR B 39 6.46 -7.62 7.00
CA THR B 39 5.42 -6.66 6.65
C THR B 39 5.24 -6.66 5.12
N SER B 40 3.99 -6.61 4.69
CA SER B 40 3.64 -6.44 3.27
C SER B 40 3.53 -4.96 2.90
N TYR B 41 4.17 -4.59 1.80
CA TYR B 41 4.17 -3.23 1.25
C TYR B 41 3.64 -3.26 -0.16
N ARG B 42 2.87 -2.27 -0.53
CA ARG B 42 2.38 -2.17 -1.88
C ARG B 42 3.35 -1.34 -2.73
N VAL B 43 3.89 -1.97 -3.76
CA VAL B 43 4.89 -1.36 -4.63
C VAL B 43 4.19 -1.01 -5.93
N THR B 44 4.39 0.21 -6.41
CA THR B 44 3.73 0.66 -7.63
C THR B 44 4.72 1.14 -8.67
N LEU B 45 4.40 0.86 -9.92
CA LEU B 45 5.18 1.34 -11.03
C LEU B 45 4.25 2.13 -11.94
N SER B 46 4.59 3.38 -12.22
CA SER B 46 3.63 4.27 -12.87
C SER B 46 4.23 5.19 -13.92
N ALA B 47 3.40 5.51 -14.92
CA ALA B 47 3.64 6.55 -15.92
C ALA B 47 2.49 7.56 -15.87
N PRO B 50 -0.06 11.11 -21.02
CA PRO B 50 -0.20 10.20 -22.16
C PRO B 50 0.95 9.19 -22.23
N SER B 51 1.89 9.28 -21.30
CA SER B 51 3.00 8.34 -21.26
C SER B 51 2.52 6.98 -20.75
N TYR B 52 3.26 5.92 -21.09
CA TYR B 52 2.88 4.55 -20.75
C TYR B 52 4.11 3.66 -20.76
N PHE B 53 3.97 2.43 -20.28
CA PHE B 53 5.01 1.41 -20.51
C PHE B 53 4.37 0.16 -21.07
N ARG B 54 5.13 -0.66 -21.78
CA ARG B 54 4.58 -1.83 -22.47
C ARG B 54 5.06 -3.17 -21.97
N GLY B 55 6.24 -3.15 -21.37
CA GLY B 55 6.87 -4.30 -20.76
C GLY B 55 7.64 -3.79 -19.57
N PHE B 56 7.76 -4.64 -18.56
CA PHE B 56 8.50 -4.21 -17.37
C PHE B 56 9.01 -5.44 -16.65
N THR B 57 10.04 -5.24 -15.85
CA THR B 57 10.54 -6.25 -14.93
C THR B 57 10.81 -5.56 -13.60
N LEU B 58 10.36 -6.18 -12.51
CA LEU B 58 10.55 -5.67 -11.15
C LEU B 58 11.27 -6.70 -10.31
N ILE B 59 12.32 -6.26 -9.63
CA ILE B 59 13.12 -7.13 -8.76
C ILE B 59 13.39 -6.41 -7.43
N ALA B 60 13.71 -7.21 -6.41
CA ALA B 60 14.10 -6.70 -5.10
C ALA B 60 15.37 -7.42 -4.75
N LEU B 61 16.45 -6.66 -4.65
CA LEU B 61 17.78 -7.25 -4.47
C LEU B 61 18.43 -6.84 -3.19
N ARG B 62 19.23 -7.74 -2.62
CA ARG B 62 20.15 -7.34 -1.57
C ARG B 62 21.11 -6.32 -2.17
N GLU B 63 21.40 -5.24 -1.46
CA GLU B 63 22.19 -4.16 -2.03
C GLU B 63 23.56 -4.65 -2.54
N ASN B 64 23.96 -4.12 -3.70
CA ASN B 64 25.25 -4.46 -4.34
C ASN B 64 25.32 -5.82 -5.04
N ARG B 65 24.20 -6.55 -5.03
CA ARG B 65 24.11 -7.79 -5.81
C ARG B 65 23.42 -7.49 -7.15
N GLU B 66 23.73 -8.29 -8.16
CA GLU B 66 23.30 -8.00 -9.55
C GLU B 66 21.95 -8.59 -9.92
N GLY B 67 21.62 -9.76 -9.37
CA GLY B 67 20.32 -10.36 -9.61
C GLY B 67 20.28 -11.59 -10.50
N ASP B 68 21.45 -11.98 -10.99
CA ASP B 68 21.56 -13.14 -11.88
C ASP B 68 21.66 -14.48 -11.13
N LYS B 69 21.58 -14.43 -9.79
CA LYS B 69 21.45 -15.61 -8.96
C LYS B 69 20.22 -15.45 -8.07
N GLU B 70 19.47 -16.53 -7.86
CA GLU B 70 18.23 -16.44 -7.10
C GLU B 70 18.47 -15.93 -5.68
N GLU B 71 19.59 -16.30 -5.05
CA GLU B 71 19.91 -15.84 -3.69
C GLU B 71 20.14 -14.32 -3.59
N ASP B 72 20.33 -13.65 -4.72
CA ASP B 72 20.49 -12.18 -4.73
C ASP B 72 19.19 -11.48 -4.34
N HIS B 73 18.06 -12.14 -4.59
CA HIS B 73 16.73 -11.54 -4.47
C HIS B 73 16.22 -11.65 -3.06
N ALA B 74 15.70 -10.53 -2.55
CA ALA B 74 15.31 -10.43 -1.14
C ALA B 74 13.81 -10.23 -0.98
N GLY B 75 13.24 -10.82 0.07
CA GLY B 75 11.78 -10.72 0.29
C GLY B 75 10.98 -11.46 -0.75
N THR B 76 9.68 -11.20 -0.80
CA THR B 76 8.80 -12.00 -1.62
C THR B 76 7.76 -11.12 -2.27
N PHE B 77 7.72 -11.11 -3.59
CA PHE B 77 6.63 -10.46 -4.29
C PHE B 77 5.37 -11.32 -4.31
N GLN B 78 4.23 -10.65 -4.23
CA GLN B 78 2.92 -11.30 -4.31
C GLN B 78 2.10 -10.56 -5.36
N ILE B 79 1.58 -11.28 -6.34
CA ILE B 79 0.77 -10.68 -7.40
C ILE B 79 -0.56 -10.18 -6.84
N ILE B 80 -0.94 -8.97 -7.24
CA ILE B 80 -2.26 -8.40 -6.92
C ILE B 80 -3.23 -8.60 -8.11
N ASP B 81 -2.74 -8.34 -9.32
CA ASP B 81 -3.56 -8.34 -10.54
C ASP B 81 -3.01 -9.35 -11.57
N GLU B 82 -3.54 -10.58 -11.56
CA GLU B 82 -3.00 -11.63 -12.43
C GLU B 82 -3.27 -11.40 -13.93
N GLU B 83 -4.19 -10.49 -14.25
CA GLU B 83 -4.41 -10.15 -15.65
C GLU B 83 -3.34 -9.20 -16.20
N GLU B 84 -2.53 -8.62 -15.30
CA GLU B 84 -1.55 -7.59 -15.67
C GLU B 84 -0.10 -8.00 -15.43
N THR B 85 0.11 -8.86 -14.44
CA THR B 85 1.45 -9.16 -13.94
C THR B 85 1.57 -10.64 -13.65
N GLN B 86 2.81 -11.12 -13.69
CA GLN B 86 3.09 -12.54 -13.40
C GLN B 86 4.53 -12.67 -12.94
N PHE B 87 4.84 -13.80 -12.32
CA PHE B 87 6.24 -14.12 -12.07
C PHE B 87 6.93 -14.47 -13.38
N MET B 88 8.19 -14.06 -13.49
CA MET B 88 9.03 -14.38 -14.66
C MET B 88 9.33 -15.89 -14.65
N SER B 89 9.09 -16.56 -15.77
CA SER B 89 9.20 -18.04 -15.79
C SER B 89 10.58 -18.60 -15.48
N ASN B 90 11.61 -17.92 -15.94
CA ASN B 90 12.96 -18.37 -15.67
C ASN B 90 13.61 -17.59 -14.52
N CYS B 91 12.81 -16.81 -13.80
CA CYS B 91 13.27 -16.16 -12.57
C CYS B 91 12.05 -15.86 -11.73
N PRO B 92 11.47 -16.90 -11.10
CA PRO B 92 10.15 -16.78 -10.49
C PRO B 92 10.06 -15.87 -9.28
N VAL B 93 11.18 -15.30 -8.86
CA VAL B 93 11.21 -14.29 -7.79
C VAL B 93 11.08 -12.86 -8.32
N ALA B 94 11.11 -12.70 -9.65
CA ALA B 94 10.94 -11.42 -10.34
C ALA B 94 9.54 -11.33 -10.93
N VAL B 95 9.04 -10.10 -11.08
CA VAL B 95 7.71 -9.86 -11.63
C VAL B 95 7.83 -9.18 -12.99
N THR B 96 6.98 -9.59 -13.93
CA THR B 96 6.98 -9.01 -15.26
C THR B 96 5.56 -8.85 -15.76
N GLU B 97 5.37 -8.27 -16.95
CA GLU B 97 4.01 -8.15 -17.47
C GLU B 97 3.46 -9.52 -17.85
N SER B 98 2.15 -9.68 -17.75
CA SER B 98 1.52 -10.95 -18.12
C SER B 98 1.26 -11.03 -19.62
N THR B 99 0.96 -9.89 -20.23
CA THR B 99 0.71 -9.79 -21.65
C THR B 99 1.29 -8.48 -22.14
N PRO B 100 1.67 -8.41 -23.43
CA PRO B 100 2.08 -7.14 -24.00
C PRO B 100 0.89 -6.20 -24.25
N ARG B 101 0.82 -5.14 -23.44
CA ARG B 101 -0.21 -4.10 -23.52
C ARG B 101 0.40 -2.81 -23.01
N ARG B 102 -0.12 -1.68 -23.47
CA ARG B 102 0.26 -0.37 -22.94
C ARG B 102 -0.43 -0.18 -21.59
N ARG B 103 0.36 0.14 -20.58
CA ARG B 103 -0.12 0.31 -19.21
C ARG B 103 0.41 1.60 -18.61
N THR B 104 -0.32 2.16 -17.64
CA THR B 104 0.15 3.33 -16.93
C THR B 104 0.42 3.08 -15.45
N ARG B 105 -0.08 1.96 -14.92
CA ARG B 105 0.14 1.59 -13.53
C ARG B 105 0.09 0.10 -13.37
N ILE B 106 1.08 -0.45 -12.67
CA ILE B 106 0.95 -1.79 -12.11
C ILE B 106 1.30 -1.71 -10.63
N GLN B 107 0.82 -2.70 -9.90
CA GLN B 107 1.05 -2.74 -8.47
C GLN B 107 1.23 -4.18 -8.04
N VAL B 108 2.07 -4.39 -7.03
CA VAL B 108 2.27 -5.72 -6.44
C VAL B 108 2.50 -5.54 -4.95
N PHE B 109 2.41 -6.63 -4.18
CA PHE B 109 2.90 -6.57 -2.81
C PHE B 109 4.31 -7.10 -2.78
N TRP B 110 5.06 -6.58 -1.82
CA TRP B 110 6.39 -7.08 -1.48
C TRP B 110 6.44 -7.32 0.02
N ILE B 111 6.74 -8.54 0.40
CA ILE B 111 6.82 -8.93 1.80
C ILE B 111 8.29 -8.89 2.23
N ALA B 112 8.58 -8.05 3.22
CA ALA B 112 9.95 -7.79 3.63
C ALA B 112 10.64 -9.03 4.19
N PRO B 113 11.98 -9.15 3.96
CA PRO B 113 12.74 -10.32 4.38
C PRO B 113 13.04 -10.38 5.88
N PRO B 114 13.62 -11.51 6.33
CA PRO B 114 13.95 -11.65 7.76
C PRO B 114 14.97 -10.63 8.27
N ALA B 115 14.94 -10.41 9.58
CA ALA B 115 15.90 -9.51 10.23
C ALA B 115 17.33 -9.94 9.91
N GLY B 116 18.20 -8.96 9.71
CA GLY B 116 19.58 -9.23 9.36
C GLY B 116 19.87 -9.24 7.87
N THR B 117 18.82 -9.17 7.04
CA THR B 117 19.03 -9.22 5.59
C THR B 117 19.74 -7.97 5.09
N GLY B 118 19.57 -6.85 5.79
CA GLY B 118 20.21 -5.60 5.41
C GLY B 118 19.43 -4.84 4.34
N CYS B 119 20.11 -3.90 3.70
CA CYS B 119 19.46 -3.02 2.74
C CYS B 119 18.99 -3.75 1.48
N VAL B 120 17.78 -3.40 1.05
CA VAL B 120 17.19 -3.99 -0.14
C VAL B 120 16.97 -2.86 -1.14
N ILE B 121 17.21 -3.14 -2.41
CA ILE B 121 16.97 -2.18 -3.49
C ILE B 121 15.89 -2.78 -4.38
N LEU B 122 14.76 -2.11 -4.41
CA LEU B 122 13.71 -2.43 -5.36
C LEU B 122 14.04 -1.72 -6.67
N LYS B 123 14.01 -2.44 -7.78
CA LYS B 123 14.42 -1.87 -9.06
C LYS B 123 13.46 -2.31 -10.13
N ALA B 124 13.15 -1.42 -11.06
CA ALA B 124 12.38 -1.77 -12.24
C ALA B 124 13.12 -1.39 -13.52
N SER B 125 12.89 -2.18 -14.55
CA SER B 125 13.29 -1.87 -15.91
C SER B 125 12.02 -1.82 -16.73
N ILE B 126 11.90 -0.87 -17.65
CA ILE B 126 10.68 -0.76 -18.46
C ILE B 126 11.02 -0.49 -19.91
N VAL B 127 10.08 -0.79 -20.78
CA VAL B 127 10.16 -0.38 -22.19
C VAL B 127 8.93 0.45 -22.57
N GLN B 128 9.16 1.56 -23.25
CA GLN B 128 8.09 2.30 -23.89
C GLN B 128 8.46 2.40 -25.36
N LYS B 129 9.23 3.44 -25.72
CA LYS B 129 9.80 3.57 -27.07
C LYS B 129 11.31 3.35 -27.00
N ARG B 130 11.79 3.11 -25.79
CA ARG B 130 13.17 2.78 -25.52
C ARG B 130 13.16 1.91 -24.26
N ILE B 131 14.24 1.19 -24.03
CA ILE B 131 14.39 0.45 -22.78
C ILE B 131 15.15 1.29 -21.76
N ILE B 132 14.63 1.29 -20.54
CA ILE B 132 15.31 1.87 -19.40
C ILE B 132 15.75 0.69 -18.56
N TYR B 133 17.07 0.55 -18.42
CA TYR B 133 17.69 -0.59 -17.75
C TYR B 133 17.60 -0.45 -16.23
N PHE B 134 17.82 -1.55 -15.51
CA PHE B 134 17.96 -1.45 -14.04
C PHE B 134 19.07 -0.47 -13.67
N GLN B 135 18.80 0.36 -12.66
CA GLN B 135 19.71 1.43 -12.20
C GLN B 135 19.98 1.36 -10.70
N ASP B 136 21.17 1.78 -10.28
CA ASP B 136 21.51 1.86 -8.86
C ASP B 136 20.79 3.01 -8.14
N GLU B 137 20.38 4.03 -8.90
CA GLU B 137 19.72 5.18 -8.32
C GLU B 137 18.81 5.80 -9.37
N GLY B 138 17.78 6.51 -8.93
CA GLY B 138 16.88 7.17 -9.86
C GLY B 138 15.42 6.90 -9.56
N SER B 139 14.55 7.22 -10.51
CA SER B 139 13.13 7.21 -10.26
C SER B 139 12.54 5.80 -10.25
N LEU B 140 13.29 4.85 -10.81
CA LEU B 140 12.87 3.45 -10.89
C LEU B 140 13.60 2.57 -9.90
N THR B 141 14.09 3.17 -8.82
CA THR B 141 14.82 2.44 -7.82
C THR B 141 14.44 2.97 -6.44
N LYS B 142 14.23 2.07 -5.48
CA LYS B 142 13.94 2.50 -4.11
C LYS B 142 14.74 1.65 -3.13
N LYS B 143 15.48 2.29 -2.25
CA LYS B 143 16.27 1.61 -1.24
C LYS B 143 15.49 1.56 0.08
N LEU B 144 15.38 0.39 0.68
CA LEU B 144 14.85 0.24 2.04
C LEU B 144 15.81 -0.55 2.90
N CYS B 145 16.19 0.02 4.04
CA CYS B 145 17.00 -0.70 5.00
C CYS B 145 16.16 -1.09 6.21
N GLU B 146 16.74 -1.88 7.11
CA GLU B 146 16.11 -2.21 8.37
C GLU B 146 16.17 -1.00 9.30
N GLN B 147 15.29 -0.96 10.30
CA GLN B 147 15.28 0.13 11.28
C GLN B 147 16.60 0.25 12.01
C1 EDO C . -14.95 16.51 21.13
O1 EDO C . -13.93 16.28 22.10
C2 EDO C . -14.57 17.73 20.30
O2 EDO C . -15.70 18.14 19.52
C1 EDO D . -22.69 0.47 11.93
O1 EDO D . -22.18 1.45 12.83
C2 EDO D . -21.80 0.40 10.69
O2 EDO D . -21.73 1.70 10.06
C1 EDO E . -9.38 -9.40 9.46
O1 EDO E . -9.33 -9.55 10.88
C2 EDO E . -8.16 -10.00 8.76
O2 EDO E . -8.54 -11.24 8.13
C1 EDO F . -14.24 -1.36 17.47
O1 EDO F . -15.17 -0.75 16.57
C2 EDO F . -14.89 -2.44 18.31
O2 EDO F . -13.95 -3.48 18.59
C1 EDO G . 27.70 0.98 -6.19
O1 EDO G . 28.77 1.54 -6.98
C2 EDO G . 26.53 1.97 -6.15
O2 EDO G . 26.23 2.40 -7.49
C1 EDO H . 9.28 -13.29 -5.04
O1 EDO H . 10.21 -12.21 -4.93
C2 EDO H . 9.73 -14.50 -4.20
O2 EDO H . 10.93 -14.24 -3.47
#